data_7YD1
#
_entry.id   7YD1
#
_cell.length_a   1.00
_cell.length_b   1.00
_cell.length_c   1.00
_cell.angle_alpha   90.00
_cell.angle_beta   90.00
_cell.angle_gamma   90.00
#
_symmetry.space_group_name_H-M   'P 1'
#
loop_
_entity.id
_entity.type
_entity.pdbx_description
1 polymer 'Spike protein S1'
2 polymer XG005-VH
3 polymer XG005-VL
#
loop_
_entity_poly.entity_id
_entity_poly.type
_entity_poly.pdbx_seq_one_letter_code
_entity_poly.pdbx_strand_id
1 'polypeptide(L)'
;NITNLCPFDEVFNATRFASVYAWNRKRISNCVADYSVLYNLAPFFTFKCYGVSPTKLNDLCFTNVYADSFVIRGDEVRQI
APGQTGNIADYNYKLPDDFTGCVIAWNSNKLDSKVSGNYNYLYRLFRKSNLKPFERDISTEIYQAGNKPCNGVAGFNCYF
PLRSYSFRPTYGVGHQPYRVVVLSFELLHAPATVCGPK
;
C
2 'polypeptide(L)'
;QVTLRESGPTLVKPKQTLTLTCTFSGFSLSTPGGGVGWIRQPPGKALEWLALIYWDDDKRYSPSLKSSLTITKDTSKNQV
VLTMTNMDPVDTATYYCARLTAADTIFDCWGQGTLVTVSSAS
;
A
3 'polypeptide(L)'
;ALTQPASVSGSPGLSITISCTATSSDVGAYNYVSWYQQHPGQAPKLMIYDVSKRPSGVSNRFSGSKSANTASLTISGLQA
EDEADYYCSSYTTTSVVFGGGTKLTVLG
;
B
#
# COMPACT_ATOMS: atom_id res chain seq x y z
N ASN A 1 11.97 -7.82 39.43
CA ASN A 1 12.73 -9.06 39.21
C ASN A 1 11.94 -10.04 38.35
N ILE A 2 11.96 -9.82 37.04
CA ILE A 2 11.26 -10.65 36.08
C ILE A 2 12.20 -11.18 35.00
N THR A 3 12.97 -10.28 34.37
CA THR A 3 13.95 -10.63 33.35
C THR A 3 13.29 -11.35 32.17
N ASN A 4 12.39 -10.62 31.50
CA ASN A 4 11.70 -11.16 30.33
C ASN A 4 11.21 -9.99 29.48
N LEU A 5 11.52 -10.03 28.19
CA LEU A 5 11.14 -8.94 27.29
C LEU A 5 9.66 -9.02 26.93
N CYS A 6 9.02 -7.86 26.90
CA CYS A 6 7.61 -7.81 26.54
C CYS A 6 7.43 -8.04 25.04
N PRO A 7 6.32 -8.67 24.64
CA PRO A 7 6.08 -8.92 23.20
C PRO A 7 5.53 -7.70 22.48
N PHE A 8 6.37 -6.66 22.38
CA PHE A 8 5.98 -5.46 21.66
C PHE A 8 5.92 -5.68 20.15
N ASP A 9 6.52 -6.76 19.65
CA ASP A 9 6.45 -7.07 18.23
C ASP A 9 5.09 -7.60 17.80
N GLU A 10 4.21 -7.92 18.74
CA GLU A 10 2.87 -8.39 18.42
C GLU A 10 1.87 -7.27 18.26
N VAL A 11 2.16 -6.08 18.76
CA VAL A 11 1.28 -4.92 18.60
C VAL A 11 1.86 -3.86 17.69
N PHE A 12 3.15 -3.94 17.36
CA PHE A 12 3.77 -3.01 16.42
C PHE A 12 4.14 -3.64 15.09
N ASN A 13 4.20 -4.96 15.01
CA ASN A 13 4.62 -5.67 13.81
C ASN A 13 3.66 -6.83 13.51
N ALA A 14 2.36 -6.54 13.55
CA ALA A 14 1.33 -7.52 13.28
C ALA A 14 0.89 -7.43 11.82
N THR A 15 0.58 -8.59 11.22
CA THR A 15 0.13 -8.62 9.84
C THR A 15 -1.20 -7.90 9.68
N ARG A 16 -2.25 -8.40 10.33
CA ARG A 16 -3.55 -7.74 10.34
C ARG A 16 -3.64 -6.89 11.60
N PHE A 17 -3.73 -5.57 11.42
CA PHE A 17 -3.56 -4.67 12.56
C PHE A 17 -4.83 -4.58 13.39
N ALA A 18 -5.89 -3.99 12.83
CA ALA A 18 -7.16 -3.82 13.53
C ALA A 18 -8.21 -3.15 12.66
N SER A 19 -9.40 -2.95 13.21
CA SER A 19 -10.43 -2.11 12.62
C SER A 19 -10.63 -0.87 13.50
N VAL A 20 -11.35 0.11 12.96
CA VAL A 20 -11.57 1.35 13.69
C VAL A 20 -12.50 1.12 14.86
N TYR A 21 -13.66 0.55 14.61
CA TYR A 21 -14.65 0.28 15.65
C TYR A 21 -14.36 -1.01 16.41
N ALA A 22 -13.47 -1.86 15.90
CA ALA A 22 -13.12 -3.11 16.56
C ALA A 22 -11.64 -3.12 16.93
N TRP A 23 -11.17 -2.01 17.51
CA TRP A 23 -9.77 -1.88 17.89
C TRP A 23 -9.33 -3.03 18.78
N ASN A 24 -8.15 -3.55 18.52
CA ASN A 24 -7.66 -4.71 19.26
C ASN A 24 -6.99 -4.27 20.56
N ARG A 25 -7.05 -5.14 21.55
CA ARG A 25 -6.47 -4.88 22.87
C ARG A 25 -5.64 -6.08 23.29
N LYS A 26 -4.36 -5.84 23.60
CA LYS A 26 -3.44 -6.89 24.02
C LYS A 26 -2.77 -6.40 25.31
N ARG A 27 -3.34 -6.77 26.45
CA ARG A 27 -2.79 -6.37 27.74
C ARG A 27 -1.46 -7.07 27.99
N ILE A 28 -0.48 -6.32 28.46
CA ILE A 28 0.86 -6.84 28.73
C ILE A 28 1.06 -6.88 30.24
N SER A 29 1.78 -7.90 30.71
CA SER A 29 2.00 -8.06 32.13
C SER A 29 3.16 -9.02 32.36
N ASN A 30 3.90 -8.80 33.45
CA ASN A 30 5.01 -9.65 33.87
C ASN A 30 6.07 -9.77 32.77
N CYS A 31 6.67 -8.63 32.46
CA CYS A 31 7.74 -8.57 31.45
C CYS A 31 8.42 -7.22 31.55
N VAL A 32 9.63 -7.16 31.00
CA VAL A 32 10.42 -5.92 30.96
C VAL A 32 10.15 -5.21 29.65
N ALA A 33 9.80 -3.93 29.72
CA ALA A 33 9.44 -3.13 28.56
C ALA A 33 10.50 -2.06 28.34
N ASP A 34 11.25 -2.19 27.25
CA ASP A 34 12.25 -1.21 26.86
C ASP A 34 11.72 -0.47 25.65
N TYR A 35 11.22 0.75 25.88
CA TYR A 35 10.59 1.53 24.81
C TYR A 35 11.58 2.07 23.79
N SER A 36 12.89 2.04 24.09
CA SER A 36 13.88 2.53 23.14
C SER A 36 13.86 1.72 21.85
N VAL A 37 13.41 0.46 21.92
CA VAL A 37 13.29 -0.35 20.71
C VAL A 37 12.32 0.27 19.73
N LEU A 38 11.38 1.08 20.23
CA LEU A 38 10.45 1.77 19.34
C LEU A 38 11.15 2.80 18.46
N TYR A 39 12.34 3.26 18.84
CA TYR A 39 13.06 4.22 18.04
C TYR A 39 13.88 3.59 16.92
N ASN A 40 14.02 2.26 16.91
CA ASN A 40 14.73 1.56 15.86
C ASN A 40 13.81 1.08 14.73
N LEU A 41 12.51 1.05 14.96
CA LEU A 41 11.55 0.62 13.96
C LEU A 41 11.28 1.76 12.99
N ALA A 42 10.23 1.63 12.17
CA ALA A 42 9.82 2.64 11.21
C ALA A 42 9.68 4.00 11.87
N PRO A 43 9.90 5.09 11.13
CA PRO A 43 9.81 6.44 11.73
C PRO A 43 8.41 6.71 12.27
N PHE A 44 8.32 6.87 13.59
CA PHE A 44 7.06 7.17 14.26
C PHE A 44 6.89 8.68 14.30
N PHE A 45 6.19 9.22 13.31
CA PHE A 45 6.01 10.67 13.22
C PHE A 45 5.15 11.24 14.33
N THR A 46 4.46 10.40 15.10
CA THR A 46 3.57 10.85 16.16
C THR A 46 3.86 10.04 17.43
N PHE A 47 4.57 10.64 18.37
CA PHE A 47 4.86 10.04 19.67
C PHE A 47 4.61 11.13 20.71
N LYS A 48 3.37 11.21 21.19
CA LYS A 48 2.96 12.23 22.14
C LYS A 48 2.40 11.56 23.39
N CYS A 49 3.24 11.39 24.41
CA CYS A 49 2.78 10.86 25.68
C CYS A 49 2.09 11.96 26.49
N TYR A 50 1.06 11.56 27.22
CA TYR A 50 0.26 12.47 28.04
C TYR A 50 0.49 12.12 29.50
N GLY A 51 1.51 12.73 30.10
CA GLY A 51 1.86 12.47 31.48
C GLY A 51 2.79 11.30 31.70
N VAL A 52 3.52 10.88 30.66
CA VAL A 52 4.38 9.70 30.76
C VAL A 52 5.85 10.03 30.54
N SER A 53 6.19 11.24 30.06
CA SER A 53 7.57 11.63 29.80
C SER A 53 8.26 10.63 28.88
N PRO A 54 7.96 10.65 27.58
CA PRO A 54 8.52 9.63 26.67
C PRO A 54 10.03 9.48 26.76
N THR A 55 10.77 10.57 26.80
CA THR A 55 12.21 10.49 27.01
C THR A 55 12.50 10.00 28.42
N LYS A 56 13.48 9.11 28.55
CA LYS A 56 13.84 8.49 29.82
C LYS A 56 12.63 7.79 30.44
N LEU A 57 12.01 6.91 29.66
CA LEU A 57 10.87 6.12 30.12
C LEU A 57 11.26 4.72 30.57
N ASN A 58 12.45 4.25 30.20
CA ASN A 58 12.87 2.92 30.59
C ASN A 58 12.99 2.79 32.10
N ASP A 59 13.24 3.88 32.80
CA ASP A 59 13.34 3.88 34.26
C ASP A 59 11.99 4.26 34.89
N LEU A 60 11.00 3.40 34.65
CA LEU A 60 9.66 3.62 35.20
C LEU A 60 8.90 2.31 35.16
N CYS A 61 8.49 1.81 36.33
CA CYS A 61 7.69 0.60 36.40
C CYS A 61 6.21 0.92 36.15
N PHE A 62 5.48 -0.10 35.72
CA PHE A 62 4.04 0.03 35.48
C PHE A 62 3.33 -1.19 36.02
N THR A 63 2.08 -1.00 36.45
CA THR A 63 1.30 -2.07 37.05
C THR A 63 0.57 -2.90 35.99
N ASN A 64 -0.30 -2.27 35.21
CA ASN A 64 -1.07 -2.94 34.17
C ASN A 64 -1.05 -2.07 32.93
N VAL A 65 -0.36 -2.52 31.88
CA VAL A 65 -0.27 -1.80 30.62
C VAL A 65 -1.24 -2.43 29.63
N TYR A 66 -2.09 -1.60 29.03
CA TYR A 66 -3.06 -2.02 28.03
C TYR A 66 -2.68 -1.41 26.69
N ALA A 67 -2.38 -2.25 25.71
CA ALA A 67 -1.96 -1.80 24.39
C ALA A 67 -3.13 -2.00 23.43
N ASP A 68 -3.74 -0.89 23.00
CA ASP A 68 -4.80 -0.92 22.01
C ASP A 68 -4.24 -0.48 20.66
N SER A 69 -4.80 -1.06 19.60
CA SER A 69 -4.31 -0.82 18.25
C SER A 69 -5.49 -0.66 17.29
N PHE A 70 -5.34 0.24 16.33
CA PHE A 70 -6.33 0.45 15.28
C PHE A 70 -5.69 1.22 14.14
N VAL A 71 -6.48 1.51 13.11
CA VAL A 71 -6.04 2.24 11.93
C VAL A 71 -7.07 3.31 11.61
N ILE A 72 -6.61 4.55 11.43
CA ILE A 72 -7.49 5.67 11.14
C ILE A 72 -6.90 6.46 9.96
N ARG A 73 -7.54 7.58 9.64
CA ARG A 73 -7.05 8.46 8.58
C ARG A 73 -5.91 9.32 9.12
N GLY A 74 -5.51 10.33 8.34
CA GLY A 74 -4.42 11.20 8.73
C GLY A 74 -4.87 12.39 9.56
N ASP A 75 -5.87 13.12 9.06
CA ASP A 75 -6.38 14.27 9.79
C ASP A 75 -7.19 13.89 11.02
N GLU A 76 -7.42 12.61 11.25
CA GLU A 76 -8.14 12.13 12.43
C GLU A 76 -7.21 11.61 13.51
N VAL A 77 -5.90 11.69 13.31
CA VAL A 77 -4.96 11.27 14.35
C VAL A 77 -5.02 12.23 15.54
N ARG A 78 -5.28 13.51 15.29
CA ARG A 78 -5.34 14.49 16.36
C ARG A 78 -6.53 14.30 17.29
N GLN A 79 -7.43 13.36 16.98
CA GLN A 79 -8.58 13.08 17.82
C GLN A 79 -8.30 12.02 18.88
N ILE A 80 -7.16 11.32 18.79
CA ILE A 80 -6.80 10.33 19.81
C ILE A 80 -6.26 10.99 21.07
N ALA A 81 -6.02 12.29 21.04
CA ALA A 81 -5.62 13.01 22.24
C ALA A 81 -6.71 12.90 23.30
N PRO A 82 -6.36 12.94 24.59
CA PRO A 82 -7.38 12.77 25.63
C PRO A 82 -8.32 13.97 25.69
N GLY A 83 -9.52 13.79 25.17
CA GLY A 83 -10.52 14.84 25.17
C GLY A 83 -10.50 15.63 23.87
N GLN A 84 -11.46 15.36 22.99
CA GLN A 84 -11.54 16.00 21.69
C GLN A 84 -12.86 15.62 21.04
N THR A 85 -13.39 16.54 20.24
CA THR A 85 -14.61 16.28 19.49
C THR A 85 -14.24 15.63 18.15
N GLY A 86 -15.22 15.52 17.25
CA GLY A 86 -14.97 14.93 15.96
C GLY A 86 -15.92 13.80 15.62
N ASN A 87 -15.41 12.74 15.02
CA ASN A 87 -16.25 11.62 14.63
C ASN A 87 -15.75 10.29 15.18
N ILE A 88 -14.44 10.09 15.26
CA ILE A 88 -13.91 8.85 15.82
C ILE A 88 -13.64 8.95 17.31
N ALA A 89 -13.52 10.17 17.84
CA ALA A 89 -13.36 10.37 19.28
C ALA A 89 -14.70 10.48 20.00
N ASP A 90 -15.81 10.24 19.30
CA ASP A 90 -17.13 10.31 19.90
C ASP A 90 -17.98 9.09 19.63
N TYR A 91 -17.72 8.32 18.57
CA TYR A 91 -18.50 7.14 18.27
C TYR A 91 -17.67 5.92 17.89
N ASN A 92 -16.35 6.04 17.81
CA ASN A 92 -15.48 4.92 17.47
C ASN A 92 -14.51 4.56 18.58
N TYR A 93 -13.73 5.52 19.08
CA TYR A 93 -12.75 5.24 20.12
C TYR A 93 -12.46 6.53 20.86
N LYS A 94 -12.84 6.61 22.13
CA LYS A 94 -12.67 7.80 22.94
C LYS A 94 -11.81 7.48 24.16
N LEU A 95 -10.91 8.39 24.49
CA LEU A 95 -10.02 8.25 25.64
C LEU A 95 -10.47 9.18 26.76
N PRO A 96 -10.34 8.76 28.01
CA PRO A 96 -10.70 9.64 29.12
C PRO A 96 -9.75 10.82 29.24
N ASP A 97 -10.18 11.83 29.99
CA ASP A 97 -9.28 12.96 30.28
C ASP A 97 -8.46 12.69 31.53
N ASP A 98 -7.90 11.48 31.63
CA ASP A 98 -6.91 11.14 32.64
C ASP A 98 -5.86 10.21 32.04
N PHE A 99 -5.79 10.13 30.71
CA PHE A 99 -5.04 9.10 30.01
C PHE A 99 -3.54 9.29 30.27
N THR A 100 -2.99 8.44 31.12
CA THR A 100 -1.56 8.44 31.41
C THR A 100 -0.86 7.37 30.56
N GLY A 101 -0.95 7.56 29.24
CA GLY A 101 -0.35 6.63 28.31
C GLY A 101 0.27 7.34 27.12
N CYS A 102 0.73 6.58 26.13
CA CYS A 102 1.41 7.13 24.97
C CYS A 102 0.71 6.68 23.70
N VAL A 103 0.47 7.62 22.79
CA VAL A 103 -0.13 7.31 21.50
C VAL A 103 0.97 7.37 20.44
N ILE A 104 1.19 6.25 19.75
CA ILE A 104 2.19 6.15 18.70
C ILE A 104 1.44 5.91 17.40
N ALA A 105 1.49 6.88 16.49
CA ALA A 105 0.82 6.80 15.20
C ALA A 105 1.85 6.93 14.09
N TRP A 106 1.85 5.97 13.17
CA TRP A 106 2.77 5.99 12.05
C TRP A 106 2.04 5.74 10.75
N ASN A 107 2.49 6.42 9.69
CA ASN A 107 1.87 6.30 8.38
C ASN A 107 2.05 4.90 7.82
N SER A 108 0.96 4.28 7.38
CA SER A 108 0.97 2.93 6.84
C SER A 108 0.40 2.88 5.43
N ASN A 109 0.54 3.98 4.68
CA ASN A 109 0.08 3.99 3.30
C ASN A 109 0.89 3.08 2.40
N LYS A 110 2.03 2.57 2.88
CA LYS A 110 2.86 1.68 2.07
C LYS A 110 2.28 0.28 1.99
N LEU A 111 1.53 -0.16 3.01
CA LEU A 111 1.00 -1.51 3.05
C LEU A 111 -0.48 -1.58 3.42
N ASP A 112 -1.13 -0.46 3.69
CA ASP A 112 -2.55 -0.44 4.01
C ASP A 112 -3.34 0.46 3.05
N SER A 113 -2.93 0.49 1.79
CA SER A 113 -3.60 1.31 0.78
C SER A 113 -3.38 0.65 -0.58
N LYS A 114 -4.47 0.19 -1.20
CA LYS A 114 -4.40 -0.51 -2.47
C LYS A 114 -5.14 0.29 -3.54
N VAL A 115 -5.03 -0.19 -4.78
CA VAL A 115 -5.67 0.48 -5.91
C VAL A 115 -7.19 0.40 -5.74
N SER A 116 -7.87 1.48 -6.14
CA SER A 116 -9.32 1.60 -6.07
C SER A 116 -9.86 1.54 -4.64
N GLY A 117 -8.99 1.70 -3.65
CA GLY A 117 -9.42 1.79 -2.27
C GLY A 117 -9.35 0.48 -1.51
N ASN A 118 -8.88 0.54 -0.26
CA ASN A 118 -8.84 -0.62 0.63
C ASN A 118 -10.08 -0.53 1.52
N TYR A 119 -11.10 -1.33 1.21
CA TYR A 119 -12.36 -1.30 1.94
C TYR A 119 -12.39 -2.26 3.13
N ASN A 120 -11.22 -2.62 3.66
CA ASN A 120 -11.12 -3.53 4.80
C ASN A 120 -11.00 -2.80 6.13
N TYR A 121 -11.39 -1.54 6.18
CA TYR A 121 -11.35 -0.76 7.42
C TYR A 121 -12.65 0.03 7.51
N LEU A 122 -13.47 -0.30 8.49
CA LEU A 122 -14.79 0.31 8.67
C LEU A 122 -14.78 1.17 9.92
N TYR A 123 -15.46 2.31 9.85
CA TYR A 123 -15.58 3.24 10.97
C TYR A 123 -17.03 3.64 11.15
N ARG A 124 -17.45 3.77 12.41
CA ARG A 124 -18.83 4.09 12.72
C ARG A 124 -19.11 5.56 12.45
N LEU A 125 -20.29 5.84 11.89
CA LEU A 125 -20.68 7.20 11.54
C LEU A 125 -21.92 7.68 12.26
N PHE A 126 -22.93 6.82 12.42
CA PHE A 126 -24.19 7.20 13.04
C PHE A 126 -24.39 6.38 14.31
N ARG A 127 -24.45 7.06 15.46
CA ARG A 127 -24.75 6.42 16.73
C ARG A 127 -25.59 7.37 17.56
N LYS A 128 -26.43 6.79 18.43
CA LYS A 128 -27.35 7.59 19.22
C LYS A 128 -26.61 8.53 20.18
N SER A 129 -25.87 7.96 21.12
CA SER A 129 -25.18 8.72 22.15
C SER A 129 -23.67 8.63 21.95
N ASN A 130 -22.96 9.58 22.57
CA ASN A 130 -21.52 9.61 22.46
C ASN A 130 -20.90 8.42 23.17
N LEU A 131 -19.77 7.95 22.63
CA LEU A 131 -19.09 6.80 23.19
C LEU A 131 -18.46 7.16 24.54
N LYS A 132 -18.62 6.27 25.51
CA LYS A 132 -18.01 6.47 26.81
C LYS A 132 -16.57 5.99 26.80
N PRO A 133 -15.74 6.51 27.70
CA PRO A 133 -14.34 6.08 27.77
C PRO A 133 -14.18 4.56 27.79
N PHE A 134 -13.36 4.05 26.88
CA PHE A 134 -13.03 2.62 26.79
C PHE A 134 -14.28 1.77 26.60
N GLU A 135 -14.95 2.00 25.46
CA GLU A 135 -16.11 1.21 25.06
C GLU A 135 -15.91 0.80 23.61
N ARG A 136 -16.17 -0.48 23.31
CA ARG A 136 -15.99 -1.03 21.98
C ARG A 136 -17.35 -1.44 21.44
N ASP A 137 -17.79 -0.80 20.35
CA ASP A 137 -19.09 -1.08 19.76
C ASP A 137 -18.90 -2.08 18.64
N ILE A 138 -18.91 -3.37 19.01
CA ILE A 138 -18.75 -4.44 18.05
C ILE A 138 -20.05 -4.79 17.33
N SER A 139 -21.18 -4.31 17.83
CA SER A 139 -22.46 -4.61 17.21
C SER A 139 -22.70 -3.71 16.00
N THR A 140 -23.51 -4.20 15.07
CA THR A 140 -23.84 -3.47 13.85
C THR A 140 -25.32 -3.70 13.53
N GLU A 141 -26.16 -2.81 14.03
CA GLU A 141 -27.60 -2.86 13.76
C GLU A 141 -28.00 -1.63 12.97
N ILE A 142 -29.06 -1.79 12.16
CA ILE A 142 -29.52 -0.70 11.31
C ILE A 142 -29.93 0.48 12.18
N TYR A 143 -29.26 1.62 12.00
CA TYR A 143 -29.54 2.81 12.80
C TYR A 143 -30.86 3.43 12.36
N GLN A 144 -31.94 3.07 13.05
CA GLN A 144 -33.26 3.61 12.76
C GLN A 144 -33.49 4.87 13.60
N ALA A 145 -33.66 6.00 12.94
CA ALA A 145 -33.92 7.24 13.63
C ALA A 145 -35.25 7.16 14.39
N GLY A 146 -35.31 7.83 15.52
CA GLY A 146 -36.48 7.75 16.38
C GLY A 146 -37.69 8.52 15.90
N ASN A 147 -38.01 8.38 14.61
CA ASN A 147 -39.19 9.01 14.03
C ASN A 147 -40.17 7.99 13.45
N LYS A 148 -39.68 7.04 12.67
CA LYS A 148 -40.49 6.01 12.05
C LYS A 148 -39.70 4.71 12.05
N PRO A 149 -40.32 3.59 12.39
CA PRO A 149 -39.57 2.32 12.45
C PRO A 149 -39.08 1.89 11.06
N CYS A 150 -37.91 1.27 11.06
CA CYS A 150 -37.29 0.75 9.85
C CYS A 150 -36.98 -0.73 10.02
N ASN A 151 -36.54 -1.35 8.93
CA ASN A 151 -36.25 -2.78 8.90
C ASN A 151 -34.94 -2.98 8.16
N GLY A 152 -34.65 -4.23 7.80
CA GLY A 152 -33.40 -4.56 7.12
C GLY A 152 -33.35 -4.08 5.68
N VAL A 153 -33.54 -2.78 5.48
CA VAL A 153 -33.48 -2.15 4.15
C VAL A 153 -32.66 -0.87 4.27
N ALA A 154 -32.58 -0.14 3.16
CA ALA A 154 -31.88 1.14 3.12
C ALA A 154 -32.66 2.09 2.23
N GLY A 155 -32.96 3.28 2.75
CA GLY A 155 -33.71 4.26 1.99
C GLY A 155 -33.29 5.69 2.25
N PHE A 156 -34.26 6.62 2.21
CA PHE A 156 -33.95 8.02 2.42
C PHE A 156 -33.58 8.30 3.88
N ASN A 157 -34.46 7.92 4.80
CA ASN A 157 -34.29 8.21 6.22
C ASN A 157 -33.70 7.04 7.00
N CYS A 158 -33.50 5.88 6.36
CA CYS A 158 -32.97 4.70 7.02
C CYS A 158 -31.65 4.32 6.36
N TYR A 159 -30.60 4.20 7.17
CA TYR A 159 -29.26 3.93 6.66
C TYR A 159 -28.55 2.97 7.62
N PHE A 160 -27.29 2.68 7.31
CA PHE A 160 -26.35 1.77 7.95
C PHE A 160 -25.37 2.53 8.82
N PRO A 161 -25.05 2.02 10.02
CA PRO A 161 -24.17 2.77 10.93
C PRO A 161 -22.72 2.84 10.46
N LEU A 162 -22.17 1.70 10.02
CA LEU A 162 -20.76 1.65 9.65
C LEU A 162 -20.55 2.12 8.22
N ARG A 163 -19.40 2.71 7.98
CA ARG A 163 -18.99 3.17 6.66
C ARG A 163 -17.72 2.41 6.25
N SER A 164 -17.13 2.81 5.13
CA SER A 164 -15.96 2.13 4.59
C SER A 164 -14.91 3.17 4.21
N TYR A 165 -13.74 3.08 4.85
CA TYR A 165 -12.62 3.93 4.47
C TYR A 165 -12.13 3.55 3.08
N SER A 166 -11.80 4.56 2.28
CA SER A 166 -11.28 4.38 0.93
C SER A 166 -9.83 4.87 0.93
N PHE A 167 -8.91 3.95 1.25
CA PHE A 167 -7.48 4.27 1.32
C PHE A 167 -6.86 4.02 -0.04
N ARG A 168 -6.81 5.07 -0.86
CA ARG A 168 -6.17 5.01 -2.16
C ARG A 168 -4.78 5.64 -2.10
N PRO A 169 -3.82 5.11 -2.86
CA PRO A 169 -2.46 5.68 -2.83
C PRO A 169 -2.36 7.07 -3.45
N THR A 170 -3.43 7.57 -4.08
CA THR A 170 -3.43 8.87 -4.72
C THR A 170 -3.91 9.98 -3.80
N TYR A 171 -3.87 9.77 -2.49
CA TYR A 171 -4.32 10.75 -1.51
C TYR A 171 -3.13 11.34 -0.77
N GLY A 172 -3.20 12.65 -0.52
CA GLY A 172 -2.16 13.33 0.20
C GLY A 172 -2.16 13.01 1.68
N VAL A 173 -1.21 13.59 2.38
CA VAL A 173 -1.10 13.38 3.83
C VAL A 173 -2.31 13.98 4.51
N GLY A 174 -3.10 13.12 5.16
CA GLY A 174 -4.34 13.55 5.78
C GLY A 174 -5.46 12.56 5.49
N HIS A 175 -5.44 11.97 4.30
CA HIS A 175 -6.35 10.90 3.96
C HIS A 175 -5.68 9.53 3.91
N GLN A 176 -4.37 9.48 4.05
CA GLN A 176 -3.66 8.22 4.02
C GLN A 176 -3.88 7.46 5.32
N PRO A 177 -3.80 6.13 5.29
CA PRO A 177 -3.97 5.36 6.53
C PRO A 177 -2.82 5.58 7.50
N TYR A 178 -3.17 5.53 8.79
CA TYR A 178 -2.22 5.70 9.88
C TYR A 178 -2.54 4.68 10.95
N ARG A 179 -1.55 3.86 11.31
CA ARG A 179 -1.70 2.88 12.36
C ARG A 179 -1.40 3.54 13.70
N VAL A 180 -2.35 3.43 14.63
CA VAL A 180 -2.28 4.08 15.93
C VAL A 180 -2.32 3.02 17.01
N VAL A 181 -1.35 3.07 17.92
CA VAL A 181 -1.30 2.18 19.08
C VAL A 181 -1.21 3.05 20.33
N VAL A 182 -2.17 2.88 21.24
CA VAL A 182 -2.23 3.63 22.48
C VAL A 182 -1.89 2.70 23.63
N LEU A 183 -0.95 3.12 24.47
CA LEU A 183 -0.53 2.38 25.65
C LEU A 183 -1.08 3.10 26.87
N SER A 184 -2.04 2.46 27.54
CA SER A 184 -2.64 2.98 28.76
C SER A 184 -1.93 2.36 29.96
N PHE A 185 -1.44 3.20 30.86
CA PHE A 185 -0.74 2.77 32.06
C PHE A 185 -1.59 3.10 33.28
N GLU A 186 -1.85 2.07 34.09
CA GLU A 186 -2.68 2.27 35.29
C GLU A 186 -1.93 3.08 36.34
N LEU A 187 -0.79 2.58 36.80
CA LEU A 187 0.03 3.25 37.82
C LEU A 187 -0.76 3.51 39.10
N LEU A 188 -1.63 2.55 39.46
CA LEU A 188 -2.41 2.66 40.69
C LEU A 188 -1.70 1.95 41.83
N HIS A 189 -2.31 1.97 43.01
CA HIS A 189 -1.73 1.34 44.18
C HIS A 189 -1.85 -0.17 44.10
N ALA A 190 -0.81 -0.82 43.58
CA ALA A 190 -0.79 -2.27 43.41
C ALA A 190 0.64 -2.69 43.11
N PRO A 191 0.98 -3.96 43.38
CA PRO A 191 2.31 -4.45 43.01
C PRO A 191 2.52 -4.39 41.50
N ALA A 192 3.56 -3.66 41.10
CA ALA A 192 3.84 -3.47 39.68
C ALA A 192 4.26 -4.79 39.03
N THR A 193 3.97 -4.90 37.73
CA THR A 193 4.29 -6.11 36.97
C THR A 193 5.17 -5.85 35.76
N VAL A 194 5.16 -4.64 35.21
CA VAL A 194 5.94 -4.30 34.02
C VAL A 194 6.90 -3.18 34.40
N CYS A 195 8.20 -3.48 34.38
CA CYS A 195 9.25 -2.50 34.66
C CYS A 195 10.15 -2.37 33.44
N GLY A 196 11.23 -1.61 33.60
CA GLY A 196 12.19 -1.42 32.53
C GLY A 196 13.57 -1.95 32.88
N PRO A 197 14.52 -1.78 31.98
CA PRO A 197 15.88 -2.28 32.23
C PRO A 197 16.58 -1.45 33.29
N LYS A 198 16.98 -2.10 34.38
CA LYS A 198 17.64 -1.42 35.48
C LYS A 198 18.42 -2.41 36.35
N GLN B 1 16.11 -13.13 -4.69
CA GLN B 1 15.94 -14.45 -5.27
C GLN B 1 14.53 -14.61 -5.84
N VAL B 2 13.85 -13.49 -6.06
CA VAL B 2 12.51 -13.52 -6.61
C VAL B 2 12.56 -13.96 -8.06
N THR B 3 11.77 -14.98 -8.39
CA THR B 3 11.73 -15.53 -9.74
C THR B 3 10.27 -15.70 -10.15
N LEU B 4 9.87 -15.00 -11.21
CA LEU B 4 8.51 -15.05 -11.74
C LEU B 4 8.60 -15.57 -13.17
N ARG B 5 8.13 -16.79 -13.39
CA ARG B 5 8.20 -17.44 -14.70
C ARG B 5 6.79 -17.56 -15.28
N GLU B 6 6.59 -17.01 -16.47
CA GLU B 6 5.32 -17.14 -17.15
C GLU B 6 5.25 -18.46 -17.90
N SER B 7 4.03 -18.86 -18.23
CA SER B 7 3.80 -20.08 -19.00
C SER B 7 2.49 -19.93 -19.78
N GLY B 8 2.01 -21.03 -20.33
CA GLY B 8 0.78 -21.02 -21.09
C GLY B 8 1.03 -21.08 -22.58
N PRO B 9 -0.03 -21.35 -23.35
CA PRO B 9 0.13 -21.43 -24.81
C PRO B 9 0.33 -20.05 -25.40
N THR B 10 1.32 -19.93 -26.29
CA THR B 10 1.59 -18.65 -26.94
C THR B 10 0.55 -18.36 -28.01
N LEU B 11 0.32 -19.32 -28.91
CA LEU B 11 -0.66 -19.15 -29.96
C LEU B 11 -2.06 -19.45 -29.43
N VAL B 12 -3.01 -18.56 -29.73
CA VAL B 12 -4.39 -18.73 -29.32
C VAL B 12 -5.29 -18.35 -30.49
N LYS B 13 -6.30 -19.18 -30.74
CA LYS B 13 -7.27 -18.88 -31.78
C LYS B 13 -8.06 -17.62 -31.41
N PRO B 14 -8.45 -16.83 -32.40
CA PRO B 14 -9.22 -15.62 -32.11
C PRO B 14 -10.56 -15.95 -31.47
N LYS B 15 -11.05 -15.03 -30.63
CA LYS B 15 -12.30 -15.20 -29.90
C LYS B 15 -12.26 -16.46 -29.03
N GLN B 16 -11.34 -16.45 -28.06
CA GLN B 16 -11.16 -17.59 -27.16
C GLN B 16 -10.75 -17.03 -25.80
N THR B 17 -10.24 -17.92 -24.94
CA THR B 17 -9.85 -17.55 -23.58
C THR B 17 -8.42 -17.99 -23.34
N LEU B 18 -7.60 -17.08 -22.82
CA LEU B 18 -6.22 -17.39 -22.49
C LEU B 18 -6.14 -18.11 -21.14
N THR B 19 -5.02 -18.78 -20.93
CA THR B 19 -4.73 -19.48 -19.68
C THR B 19 -3.29 -19.18 -19.24
N LEU B 20 -2.92 -17.91 -19.31
CA LEU B 20 -1.57 -17.49 -18.94
C LEU B 20 -1.37 -17.64 -17.44
N THR B 21 -0.40 -18.47 -17.06
CA THR B 21 -0.08 -18.71 -15.66
C THR B 21 1.29 -18.14 -15.34
N CYS B 22 1.50 -17.84 -14.06
CA CYS B 22 2.73 -17.22 -13.57
C CYS B 22 3.13 -17.94 -12.29
N THR B 23 4.25 -18.66 -12.34
CA THR B 23 4.78 -19.34 -11.16
C THR B 23 5.79 -18.42 -10.48
N PHE B 24 5.55 -18.13 -9.21
CA PHE B 24 6.42 -17.27 -8.43
C PHE B 24 7.13 -18.07 -7.35
N SER B 25 8.42 -17.83 -7.20
CA SER B 25 9.24 -18.52 -6.22
C SER B 25 10.21 -17.52 -5.59
N GLY B 26 10.41 -17.64 -4.28
CA GLY B 26 11.28 -16.75 -3.55
C GLY B 26 10.58 -15.83 -2.57
N PHE B 27 9.26 -15.90 -2.48
CA PHE B 27 8.51 -15.06 -1.55
C PHE B 27 7.16 -15.71 -1.30
N SER B 28 6.51 -15.30 -0.21
CA SER B 28 5.18 -15.77 0.13
C SER B 28 4.18 -14.67 -0.20
N LEU B 29 3.12 -15.04 -0.93
CA LEU B 29 2.12 -14.07 -1.34
C LEU B 29 1.25 -13.60 -0.18
N SER B 30 1.37 -14.23 0.99
CA SER B 30 0.59 -13.83 2.16
C SER B 30 1.20 -12.66 2.92
N THR B 31 2.27 -12.07 2.42
CA THR B 31 2.89 -10.94 3.10
C THR B 31 2.00 -9.70 2.97
N PRO B 32 1.81 -8.95 4.05
CA PRO B 32 0.97 -7.75 3.97
C PRO B 32 1.58 -6.71 3.05
N GLY B 33 0.79 -6.27 2.07
CA GLY B 33 1.24 -5.29 1.10
C GLY B 33 1.69 -5.88 -0.22
N GLY B 34 1.86 -7.19 -0.30
CA GLY B 34 2.33 -7.82 -1.52
C GLY B 34 1.22 -8.04 -2.55
N GLY B 35 1.64 -8.52 -3.70
CA GLY B 35 0.71 -8.79 -4.79
C GLY B 35 1.38 -9.03 -6.12
N VAL B 36 0.70 -9.74 -7.02
CA VAL B 36 1.22 -10.05 -8.34
C VAL B 36 0.23 -9.54 -9.38
N GLY B 37 0.72 -8.77 -10.34
CA GLY B 37 -0.12 -8.21 -11.38
C GLY B 37 0.28 -8.65 -12.77
N TRP B 38 -0.28 -8.00 -13.79
CA TRP B 38 0.03 -8.34 -15.17
C TRP B 38 0.09 -7.06 -16.00
N ILE B 39 1.07 -7.01 -16.90
CA ILE B 39 1.31 -5.84 -17.74
C ILE B 39 1.44 -6.30 -19.18
N ARG B 40 0.68 -5.67 -20.08
CA ARG B 40 0.71 -5.96 -21.49
C ARG B 40 1.62 -4.96 -22.20
N GLN B 41 2.35 -5.45 -23.21
CA GLN B 41 3.27 -4.62 -23.98
C GLN B 41 3.18 -5.03 -25.44
N PRO B 42 2.40 -4.32 -26.25
CA PRO B 42 2.32 -4.64 -27.67
C PRO B 42 3.66 -4.38 -28.34
N PRO B 43 3.94 -5.06 -29.45
CA PRO B 43 5.21 -4.84 -30.15
C PRO B 43 5.32 -3.42 -30.67
N GLY B 44 6.30 -2.69 -30.14
CA GLY B 44 6.50 -1.32 -30.55
C GLY B 44 5.56 -0.32 -29.90
N LYS B 45 5.04 -0.62 -28.72
CA LYS B 45 4.14 0.27 -28.01
C LYS B 45 4.58 0.32 -26.54
N ALA B 46 3.74 0.92 -25.71
CA ALA B 46 4.06 1.13 -24.30
C ALA B 46 3.37 0.09 -23.43
N LEU B 47 3.73 0.11 -22.15
CA LEU B 47 3.17 -0.82 -21.18
C LEU B 47 1.75 -0.40 -20.79
N GLU B 48 0.96 -1.38 -20.35
CA GLU B 48 -0.39 -1.10 -19.87
C GLU B 48 -0.79 -2.16 -18.86
N TRP B 49 -1.20 -1.72 -17.67
CA TRP B 49 -1.59 -2.65 -16.62
C TRP B 49 -2.93 -3.30 -16.94
N LEU B 50 -3.05 -4.59 -16.62
CA LEU B 50 -4.27 -5.33 -16.91
C LEU B 50 -5.00 -5.75 -15.63
N ALA B 51 -4.34 -6.47 -14.74
CA ALA B 51 -4.99 -6.97 -13.53
C ALA B 51 -3.98 -6.99 -12.39
N LEU B 52 -4.49 -7.27 -11.19
CA LEU B 52 -3.65 -7.32 -10.00
C LEU B 52 -4.39 -8.06 -8.90
N ILE B 53 -3.65 -8.86 -8.14
CA ILE B 53 -4.19 -9.55 -6.98
C ILE B 53 -3.39 -9.12 -5.77
N TYR B 54 -3.97 -9.34 -4.59
CA TYR B 54 -3.33 -8.91 -3.35
C TYR B 54 -3.21 -10.05 -2.36
N TRP B 55 -2.79 -9.74 -1.13
CA TRP B 55 -2.61 -10.74 -0.09
C TRP B 55 -3.89 -11.07 0.65
N ASP B 56 -5.03 -10.51 0.23
CA ASP B 56 -6.32 -10.76 0.87
C ASP B 56 -7.38 -11.07 -0.17
N ASP B 57 -6.99 -11.76 -1.24
CA ASP B 57 -7.88 -12.21 -2.31
C ASP B 57 -8.58 -11.06 -3.03
N ASP B 58 -8.06 -9.84 -2.88
CA ASP B 58 -8.64 -8.70 -3.58
C ASP B 58 -8.15 -8.65 -5.02
N LYS B 59 -9.09 -8.54 -5.96
CA LYS B 59 -8.79 -8.58 -7.39
C LYS B 59 -9.13 -7.22 -8.00
N ARG B 60 -8.09 -6.47 -8.37
CA ARG B 60 -8.26 -5.20 -9.06
C ARG B 60 -8.01 -5.39 -10.56
N TYR B 61 -8.74 -4.64 -11.37
CA TYR B 61 -8.65 -4.76 -12.81
C TYR B 61 -8.58 -3.37 -13.44
N SER B 62 -8.24 -3.33 -14.72
CA SER B 62 -8.23 -2.08 -15.45
C SER B 62 -9.66 -1.61 -15.69
N PRO B 63 -9.92 -0.30 -15.59
CA PRO B 63 -11.29 0.19 -15.80
C PRO B 63 -11.79 -0.01 -17.22
N SER B 64 -10.90 -0.13 -18.20
CA SER B 64 -11.32 -0.33 -19.58
C SER B 64 -11.70 -1.78 -19.85
N LEU B 65 -11.09 -2.73 -19.15
CA LEU B 65 -11.35 -4.15 -19.34
C LEU B 65 -11.72 -4.77 -18.00
N LYS B 66 -13.01 -5.01 -17.79
CA LYS B 66 -13.50 -5.67 -16.58
C LYS B 66 -14.42 -6.85 -16.85
N SER B 67 -14.85 -7.07 -18.10
CA SER B 67 -15.74 -8.16 -18.43
C SER B 67 -15.02 -9.43 -18.85
N SER B 68 -13.70 -9.39 -18.99
CA SER B 68 -12.95 -10.55 -19.42
C SER B 68 -11.83 -10.93 -18.47
N LEU B 69 -11.17 -9.94 -17.85
CA LEU B 69 -10.02 -10.22 -17.01
C LEU B 69 -10.46 -10.89 -15.72
N THR B 70 -9.93 -12.08 -15.46
CA THR B 70 -10.19 -12.82 -14.22
C THR B 70 -8.88 -13.40 -13.73
N ILE B 71 -8.44 -12.98 -12.55
CA ILE B 71 -7.19 -13.42 -11.96
C ILE B 71 -7.51 -14.20 -10.68
N THR B 72 -6.74 -15.26 -10.45
CA THR B 72 -6.92 -16.09 -9.28
C THR B 72 -5.56 -16.55 -8.76
N LYS B 73 -5.51 -16.86 -7.47
CA LYS B 73 -4.29 -17.28 -6.80
C LYS B 73 -4.43 -18.72 -6.33
N ASP B 74 -3.31 -19.44 -6.36
CA ASP B 74 -3.22 -20.84 -5.96
C ASP B 74 -2.01 -21.05 -5.06
N THR B 75 -1.91 -20.22 -4.01
CA THR B 75 -0.76 -20.21 -3.11
C THR B 75 -0.39 -21.61 -2.61
N SER B 76 -1.33 -22.55 -2.61
CA SER B 76 -1.00 -23.93 -2.26
C SER B 76 0.06 -24.50 -3.18
N LYS B 77 0.15 -24.00 -4.41
CA LYS B 77 1.19 -24.41 -5.36
C LYS B 77 1.98 -23.23 -5.91
N ASN B 78 1.74 -22.02 -5.41
CA ASN B 78 2.46 -20.81 -5.82
C ASN B 78 2.34 -20.59 -7.34
N GLN B 79 1.12 -20.34 -7.78
CA GLN B 79 0.82 -20.16 -9.19
C GLN B 79 -0.38 -19.23 -9.34
N VAL B 80 -0.15 -18.06 -9.94
CA VAL B 80 -1.21 -17.09 -10.19
C VAL B 80 -1.70 -17.27 -11.63
N VAL B 81 -3.00 -17.47 -11.79
CA VAL B 81 -3.60 -17.74 -13.09
C VAL B 81 -4.39 -16.52 -13.54
N LEU B 82 -4.26 -16.19 -14.83
CA LEU B 82 -5.00 -15.10 -15.43
C LEU B 82 -5.71 -15.61 -16.67
N THR B 83 -7.01 -15.32 -16.79
CA THR B 83 -7.80 -15.74 -17.93
C THR B 83 -8.59 -14.53 -18.44
N MET B 84 -8.52 -14.30 -19.75
CA MET B 84 -9.27 -13.24 -20.39
C MET B 84 -10.00 -13.80 -21.61
N THR B 85 -11.27 -13.42 -21.75
CA THR B 85 -12.11 -13.92 -22.83
C THR B 85 -12.15 -12.91 -23.98
N ASN B 86 -12.73 -13.35 -25.10
CA ASN B 86 -12.90 -12.53 -26.29
C ASN B 86 -11.55 -12.00 -26.80
N MET B 87 -10.68 -12.94 -27.19
CA MET B 87 -9.37 -12.58 -27.69
C MET B 87 -9.49 -12.01 -29.10
N ASP B 88 -9.13 -10.75 -29.26
CA ASP B 88 -9.14 -10.06 -30.53
C ASP B 88 -7.73 -9.97 -31.10
N PRO B 89 -7.58 -9.77 -32.43
CA PRO B 89 -6.26 -9.62 -33.04
C PRO B 89 -5.63 -8.25 -32.79
N VAL B 90 -5.71 -7.79 -31.55
CA VAL B 90 -5.07 -6.55 -31.13
C VAL B 90 -4.35 -6.81 -29.81
N ASP B 91 -4.62 -7.97 -29.22
CA ASP B 91 -4.04 -8.35 -27.93
C ASP B 91 -2.72 -9.10 -28.08
N THR B 92 -2.22 -9.28 -29.30
CA THR B 92 -0.92 -9.90 -29.50
C THR B 92 0.18 -9.04 -28.88
N ALA B 93 0.80 -9.53 -27.81
CA ALA B 93 1.76 -8.72 -27.06
C ALA B 93 2.58 -9.61 -26.16
N THR B 94 3.59 -9.01 -25.54
CA THR B 94 4.46 -9.70 -24.58
C THR B 94 3.92 -9.45 -23.18
N TYR B 95 3.29 -10.46 -22.60
CA TYR B 95 2.70 -10.36 -21.27
C TYR B 95 3.74 -10.62 -20.20
N TYR B 96 3.71 -9.80 -19.16
CA TYR B 96 4.61 -9.94 -18.02
C TYR B 96 3.79 -10.04 -16.74
N CYS B 97 4.31 -10.79 -15.76
CA CYS B 97 3.76 -10.81 -14.42
C CYS B 97 4.82 -10.29 -13.47
N ALA B 98 4.52 -9.19 -12.78
CA ALA B 98 5.45 -8.56 -11.86
C ALA B 98 4.88 -8.54 -10.46
N ARG B 99 5.76 -8.65 -9.47
CA ARG B 99 5.36 -8.63 -8.08
C ARG B 99 5.28 -7.20 -7.57
N LEU B 100 4.17 -6.87 -6.91
CA LEU B 100 4.00 -5.57 -6.26
C LEU B 100 4.33 -5.76 -4.78
N THR B 101 5.56 -5.42 -4.41
CA THR B 101 6.02 -5.64 -3.04
C THR B 101 5.22 -4.79 -2.06
N ALA B 102 5.02 -3.52 -2.39
CA ALA B 102 4.25 -2.61 -1.54
C ALA B 102 3.71 -1.49 -2.42
N ALA B 103 2.97 -0.57 -1.78
CA ALA B 103 2.37 0.53 -2.53
C ALA B 103 3.42 1.49 -3.06
N ASP B 104 4.55 1.64 -2.34
CA ASP B 104 5.58 2.55 -2.79
C ASP B 104 6.44 1.95 -3.91
N THR B 105 6.67 0.64 -3.87
CA THR B 105 7.46 -0.04 -4.89
C THR B 105 6.48 -0.69 -5.87
N ILE B 106 6.14 0.06 -6.92
CA ILE B 106 5.17 -0.42 -7.90
C ILE B 106 5.88 -1.39 -8.82
N PHE B 107 5.52 -2.67 -8.73
CA PHE B 107 6.03 -3.71 -9.60
C PHE B 107 7.56 -3.69 -9.74
N ASP B 108 8.26 -3.96 -8.63
CA ASP B 108 9.72 -3.93 -8.66
C ASP B 108 10.31 -5.06 -9.49
N CYS B 109 9.98 -6.30 -9.14
CA CYS B 109 10.56 -7.45 -9.84
C CYS B 109 9.60 -7.93 -10.92
N TRP B 110 10.07 -7.92 -12.17
CA TRP B 110 9.30 -8.40 -13.31
C TRP B 110 9.77 -9.78 -13.72
N GLY B 111 8.95 -10.44 -14.52
CA GLY B 111 9.24 -11.75 -15.04
C GLY B 111 10.05 -11.69 -16.31
N GLN B 112 9.85 -12.68 -17.18
CA GLN B 112 10.49 -12.71 -18.49
C GLN B 112 9.53 -12.45 -19.63
N GLY B 113 8.23 -12.66 -19.42
CA GLY B 113 7.23 -12.32 -20.42
C GLY B 113 7.09 -13.34 -21.53
N THR B 114 5.86 -13.59 -21.95
CA THR B 114 5.56 -14.52 -23.04
C THR B 114 4.85 -13.78 -24.16
N LEU B 115 5.24 -14.06 -25.40
CA LEU B 115 4.65 -13.42 -26.58
C LEU B 115 3.40 -14.19 -26.96
N VAL B 116 2.24 -13.63 -26.65
CA VAL B 116 0.95 -14.24 -27.00
C VAL B 116 0.43 -13.56 -28.25
N THR B 117 0.27 -14.34 -29.31
CA THR B 117 -0.23 -13.85 -30.58
C THR B 117 -1.64 -14.36 -30.83
N VAL B 118 -2.44 -13.55 -31.54
CA VAL B 118 -3.81 -13.89 -31.87
C VAL B 118 -3.93 -13.82 -33.38
N SER B 119 -3.82 -14.97 -34.04
CA SER B 119 -3.88 -15.06 -35.50
C SER B 119 -4.66 -16.29 -35.90
N SER B 120 -5.47 -16.15 -36.95
CA SER B 120 -6.28 -17.26 -37.44
C SER B 120 -5.46 -18.31 -38.17
N ALA B 121 -4.17 -18.06 -38.44
CA ALA B 121 -3.34 -19.01 -39.14
C ALA B 121 -3.05 -20.23 -38.26
N SER B 122 -2.61 -21.31 -38.90
CA SER B 122 -2.30 -22.54 -38.20
C SER B 122 -1.03 -22.39 -37.36
N ALA C 1 -3.38 10.30 -18.06
CA ALA C 1 -2.24 9.41 -18.19
C ALA C 1 -0.94 10.15 -17.89
N LEU C 2 0.16 9.68 -18.47
CA LEU C 2 1.47 10.27 -18.28
C LEU C 2 2.14 10.43 -19.64
N THR C 3 2.65 11.63 -19.92
CA THR C 3 3.32 11.93 -21.17
C THR C 3 4.82 12.07 -20.93
N GLN C 4 5.62 11.49 -21.83
CA GLN C 4 7.06 11.55 -21.77
C GLN C 4 7.62 11.95 -23.12
N PRO C 5 8.80 12.57 -23.14
CA PRO C 5 9.45 12.86 -24.43
C PRO C 5 9.78 11.57 -25.17
N ALA C 6 9.50 11.57 -26.47
CA ALA C 6 9.71 10.36 -27.27
C ALA C 6 11.19 10.08 -27.46
N SER C 7 11.92 11.02 -28.07
CA SER C 7 13.33 10.86 -28.36
C SER C 7 14.15 11.82 -27.48
N VAL C 8 15.21 11.30 -26.89
CA VAL C 8 16.12 12.09 -26.06
C VAL C 8 17.55 11.71 -26.41
N SER C 9 18.37 12.71 -26.69
CA SER C 9 19.76 12.51 -27.04
C SER C 9 20.66 12.92 -25.89
N GLY C 10 21.86 12.32 -25.84
CA GLY C 10 22.81 12.64 -24.79
C GLY C 10 24.24 12.28 -25.15
N SER C 11 25.15 13.24 -24.97
CA SER C 11 26.56 12.98 -25.21
C SER C 11 27.11 12.07 -24.11
N PRO C 12 28.10 11.24 -24.43
CA PRO C 12 28.68 10.36 -23.40
C PRO C 12 29.29 11.16 -22.26
N GLY C 13 28.72 10.99 -21.06
CA GLY C 13 29.19 11.63 -19.85
C GLY C 13 28.27 12.72 -19.34
N LEU C 14 27.58 13.42 -20.23
CA LEU C 14 26.72 14.51 -19.81
C LEU C 14 25.48 13.98 -19.08
N SER C 15 24.80 14.88 -18.38
CA SER C 15 23.62 14.55 -17.60
C SER C 15 22.37 14.95 -18.36
N ILE C 16 21.34 14.10 -18.27
CA ILE C 16 20.07 14.36 -18.94
C ILE C 16 18.93 14.09 -17.95
N THR C 17 17.75 14.60 -18.29
CA THR C 17 16.56 14.44 -17.48
C THR C 17 15.39 14.03 -18.36
N ILE C 18 14.51 13.20 -17.82
CA ILE C 18 13.32 12.73 -18.52
C ILE C 18 12.09 13.24 -17.76
N SER C 19 11.24 13.98 -18.45
CA SER C 19 10.06 14.58 -17.83
C SER C 19 8.88 13.62 -17.89
N CYS C 20 8.16 13.52 -16.76
CA CYS C 20 6.99 12.67 -16.63
C CYS C 20 5.83 13.57 -16.19
N THR C 21 5.16 14.20 -17.15
CA THR C 21 4.08 15.13 -16.86
C THR C 21 2.77 14.38 -16.73
N ALA C 22 2.00 14.72 -15.70
CA ALA C 22 0.71 14.06 -15.44
C ALA C 22 -0.42 14.90 -16.02
N THR C 23 -0.53 14.86 -17.35
CA THR C 23 -1.64 15.52 -18.02
C THR C 23 -2.96 14.85 -17.63
N SER C 24 -4.03 15.62 -17.66
CA SER C 24 -5.34 15.18 -17.17
C SER C 24 -5.21 14.68 -15.73
N SER C 25 -4.92 15.64 -14.85
CA SER C 25 -4.38 15.33 -13.53
C SER C 25 -5.42 14.70 -12.61
N ASP C 26 -5.75 13.43 -12.88
CA ASP C 26 -6.48 12.60 -11.94
C ASP C 26 -5.54 11.74 -11.12
N VAL C 27 -4.23 11.96 -11.23
CA VAL C 27 -3.25 11.19 -10.48
C VAL C 27 -3.31 11.50 -8.99
N GLY C 28 -3.94 12.61 -8.61
CA GLY C 28 -4.05 12.98 -7.21
C GLY C 28 -2.85 13.72 -6.68
N ALA C 29 -2.38 13.32 -5.49
CA ALA C 29 -1.23 13.99 -4.89
C ALA C 29 0.07 13.66 -5.61
N TYR C 30 0.08 12.60 -6.43
CA TYR C 30 1.27 12.16 -7.17
C TYR C 30 2.42 11.89 -6.20
N ASN C 31 2.18 10.95 -5.29
CA ASN C 31 3.14 10.61 -4.25
C ASN C 31 4.16 9.59 -4.73
N TYR C 32 3.69 8.45 -5.23
CA TYR C 32 4.55 7.36 -5.66
C TYR C 32 4.71 7.39 -7.17
N VAL C 33 5.95 7.26 -7.63
CA VAL C 33 6.26 7.17 -9.06
C VAL C 33 7.55 6.39 -9.22
N SER C 34 7.53 5.39 -10.10
CA SER C 34 8.66 4.50 -10.30
C SER C 34 9.10 4.52 -11.76
N TRP C 35 10.41 4.59 -11.97
CA TRP C 35 11.02 4.61 -13.29
C TRP C 35 11.66 3.25 -13.54
N TYR C 36 11.24 2.60 -14.62
CA TYR C 36 11.78 1.33 -15.07
C TYR C 36 12.58 1.53 -16.35
N GLN C 37 13.56 0.66 -16.56
CA GLN C 37 14.39 0.65 -17.75
C GLN C 37 14.19 -0.68 -18.48
N GLN C 38 14.14 -0.62 -19.81
CA GLN C 38 13.91 -1.82 -20.62
C GLN C 38 14.84 -1.75 -21.83
N HIS C 39 15.78 -2.69 -21.90
CA HIS C 39 16.64 -2.82 -23.07
C HIS C 39 15.91 -3.58 -24.17
N PRO C 40 16.27 -3.36 -25.43
CA PRO C 40 15.60 -4.09 -26.52
C PRO C 40 15.87 -5.58 -26.45
N GLY C 41 14.81 -6.35 -26.18
CA GLY C 41 14.91 -7.80 -26.07
C GLY C 41 14.90 -8.34 -24.65
N GLN C 42 14.72 -7.48 -23.65
CA GLN C 42 14.68 -7.94 -22.27
C GLN C 42 13.42 -7.47 -21.57
N ALA C 43 13.34 -7.68 -20.25
CA ALA C 43 12.20 -7.29 -19.44
C ALA C 43 12.45 -5.95 -18.76
N PRO C 44 11.39 -5.19 -18.49
CA PRO C 44 11.57 -3.90 -17.79
C PRO C 44 12.14 -4.10 -16.40
N LYS C 45 13.26 -3.44 -16.14
CA LYS C 45 13.95 -3.50 -14.85
C LYS C 45 13.77 -2.18 -14.13
N LEU C 46 13.26 -2.24 -12.90
CA LEU C 46 13.02 -1.04 -12.11
C LEU C 46 14.33 -0.33 -11.81
N MET C 47 14.49 0.89 -12.34
CA MET C 47 15.69 1.66 -12.05
C MET C 47 15.55 2.41 -10.73
N ILE C 48 14.47 3.17 -10.56
CA ILE C 48 14.33 3.96 -9.34
C ILE C 48 12.88 4.12 -8.94
N TYR C 49 12.51 3.62 -7.76
CA TYR C 49 11.18 3.82 -7.22
C TYR C 49 11.13 5.19 -6.56
N ASP C 50 10.14 5.43 -5.69
CA ASP C 50 9.69 6.77 -5.27
C ASP C 50 10.85 7.76 -5.17
N VAL C 51 10.60 8.98 -5.67
CA VAL C 51 11.60 9.93 -6.14
C VAL C 51 12.83 10.01 -5.26
N SER C 52 12.66 9.88 -3.94
CA SER C 52 13.80 9.86 -3.02
C SER C 52 13.91 8.45 -2.46
N LYS C 53 14.52 7.57 -3.26
CA LYS C 53 14.77 6.17 -2.91
C LYS C 53 15.54 5.49 -4.04
N ARG C 54 16.29 4.45 -3.73
CA ARG C 54 17.08 3.74 -4.72
C ARG C 54 17.14 2.26 -4.35
N PRO C 55 16.84 1.36 -5.28
CA PRO C 55 16.89 -0.07 -4.97
C PRO C 55 18.32 -0.59 -4.94
N SER C 56 18.48 -1.73 -4.27
CA SER C 56 19.79 -2.36 -4.16
C SER C 56 20.22 -2.93 -5.50
N GLY C 57 21.36 -2.46 -6.01
CA GLY C 57 21.87 -2.90 -7.30
C GLY C 57 21.92 -1.84 -8.36
N VAL C 58 21.43 -0.63 -8.07
CA VAL C 58 21.44 0.47 -9.03
C VAL C 58 22.44 1.52 -8.53
N SER C 59 23.30 1.97 -9.43
CA SER C 59 24.33 2.94 -9.07
C SER C 59 23.71 4.30 -8.79
N ASN C 60 24.53 5.21 -8.26
CA ASN C 60 24.09 6.57 -7.96
C ASN C 60 23.93 7.42 -9.21
N ARG C 61 24.10 6.84 -10.40
CA ARG C 61 23.93 7.60 -11.63
C ARG C 61 22.48 7.98 -11.89
N PHE C 62 21.54 7.30 -11.27
CA PHE C 62 20.11 7.56 -11.44
C PHE C 62 19.57 8.26 -10.20
N SER C 63 18.82 9.33 -10.41
CA SER C 63 18.18 10.04 -9.31
C SER C 63 16.81 10.51 -9.77
N GLY C 64 15.96 10.85 -8.80
CA GLY C 64 14.60 11.26 -9.08
C GLY C 64 14.25 12.55 -8.37
N SER C 65 13.37 13.31 -9.02
CA SER C 65 12.91 14.58 -8.46
C SER C 65 11.46 14.82 -8.87
N LYS C 66 10.82 15.76 -8.18
CA LYS C 66 9.43 16.12 -8.47
C LYS C 66 9.25 17.57 -8.04
N SER C 67 9.32 18.49 -9.01
CA SER C 67 9.25 19.92 -8.70
C SER C 67 7.89 20.30 -8.11
N ALA C 68 6.84 20.25 -8.93
CA ALA C 68 5.48 20.49 -8.43
C ALA C 68 4.56 19.31 -8.68
N ASN C 69 4.41 18.88 -9.95
CA ASN C 69 3.59 17.71 -10.26
C ASN C 69 4.19 16.88 -11.37
N THR C 70 5.48 17.04 -11.66
CA THR C 70 6.15 16.35 -12.75
C THR C 70 7.35 15.59 -12.22
N ALA C 71 7.37 14.28 -12.45
CA ALA C 71 8.50 13.47 -12.05
C ALA C 71 9.62 13.57 -13.08
N SER C 72 10.85 13.60 -12.61
CA SER C 72 12.02 13.77 -13.46
C SER C 72 13.08 12.75 -13.06
N LEU C 73 13.57 12.00 -14.04
CA LEU C 73 14.64 11.03 -13.85
C LEU C 73 15.93 11.66 -14.35
N THR C 74 16.82 12.00 -13.43
CA THR C 74 18.12 12.57 -13.78
C THR C 74 19.14 11.44 -13.89
N ILE C 75 19.71 11.28 -15.08
CA ILE C 75 20.75 10.30 -15.34
C ILE C 75 22.02 11.07 -15.69
N SER C 76 23.04 10.94 -14.84
CA SER C 76 24.32 11.60 -15.04
C SER C 76 25.39 10.59 -15.37
N GLY C 77 26.39 11.02 -16.13
CA GLY C 77 27.47 10.14 -16.53
C GLY C 77 26.99 9.02 -17.43
N LEU C 78 26.54 9.37 -18.63
CA LEU C 78 26.03 8.37 -19.55
C LEU C 78 27.14 7.44 -20.01
N GLN C 79 26.77 6.19 -20.27
CA GLN C 79 27.66 5.19 -20.81
C GLN C 79 27.06 4.61 -22.08
N ALA C 80 27.87 3.81 -22.79
CA ALA C 80 27.37 3.15 -23.99
C ALA C 80 26.26 2.15 -23.66
N GLU C 81 26.33 1.53 -22.49
CA GLU C 81 25.31 0.56 -22.06
C GLU C 81 24.19 1.24 -21.26
N ASP C 82 23.60 2.28 -21.85
CA ASP C 82 22.48 2.97 -21.24
C ASP C 82 21.37 3.30 -22.22
N GLU C 83 21.51 2.98 -23.50
CA GLU C 83 20.49 3.25 -24.51
C GLU C 83 19.37 2.24 -24.36
N ALA C 84 18.35 2.62 -23.58
CA ALA C 84 17.20 1.76 -23.37
C ALA C 84 15.97 2.64 -23.19
N ASP C 85 14.80 2.01 -23.21
CA ASP C 85 13.53 2.71 -23.09
C ASP C 85 13.18 2.87 -21.62
N TYR C 86 12.86 4.09 -21.20
CA TYR C 86 12.53 4.40 -19.82
C TYR C 86 11.04 4.67 -19.70
N TYR C 87 10.44 4.15 -18.62
CA TYR C 87 9.00 4.26 -18.40
C TYR C 87 8.75 4.73 -16.97
N CYS C 88 7.97 5.80 -16.83
CA CYS C 88 7.53 6.27 -15.53
C CYS C 88 6.11 5.77 -15.29
N SER C 89 5.87 5.21 -14.10
CA SER C 89 4.58 4.65 -13.76
C SER C 89 4.16 5.12 -12.37
N SER C 90 2.92 5.57 -12.26
CA SER C 90 2.36 6.03 -10.99
C SER C 90 0.98 5.40 -10.82
N TYR C 91 0.29 5.80 -9.76
CA TYR C 91 -1.05 5.31 -9.45
C TYR C 91 -2.09 6.35 -9.81
N THR C 92 -3.18 5.91 -10.43
CA THR C 92 -4.32 6.75 -10.69
C THR C 92 -5.44 6.39 -9.71
N THR C 93 -6.58 7.09 -9.85
CA THR C 93 -7.69 6.86 -8.93
C THR C 93 -8.34 5.50 -9.12
N THR C 94 -8.14 4.85 -10.27
CA THR C 94 -8.77 3.57 -10.51
C THR C 94 -7.89 2.57 -11.24
N SER C 95 -6.62 2.88 -11.51
CA SER C 95 -5.76 1.98 -12.27
C SER C 95 -4.30 2.28 -11.93
N VAL C 96 -3.39 1.68 -12.69
CA VAL C 96 -1.95 1.88 -12.53
C VAL C 96 -1.41 2.26 -13.91
N VAL C 97 -1.28 3.57 -14.15
CA VAL C 97 -0.81 4.03 -15.45
C VAL C 97 0.70 3.80 -15.56
N PHE C 98 1.16 3.52 -16.79
CA PHE C 98 2.57 3.24 -17.04
C PHE C 98 3.24 4.27 -17.95
N GLY C 99 2.51 5.29 -18.39
CA GLY C 99 3.12 6.31 -19.22
C GLY C 99 3.56 5.78 -20.58
N GLY C 100 4.29 6.64 -21.29
CA GLY C 100 4.81 6.32 -22.60
C GLY C 100 6.25 5.89 -22.56
N GLY C 101 6.90 5.96 -23.73
CA GLY C 101 8.29 5.57 -23.84
C GLY C 101 9.24 6.72 -24.02
N THR C 102 10.54 6.47 -23.82
CA THR C 102 11.55 7.50 -23.97
C THR C 102 12.85 6.82 -24.39
N LYS C 103 13.28 7.06 -25.62
CA LYS C 103 14.49 6.45 -26.16
C LYS C 103 15.68 7.36 -25.94
N LEU C 104 16.77 6.80 -25.40
CA LEU C 104 18.01 7.53 -25.18
C LEU C 104 19.01 7.15 -26.25
N THR C 105 19.53 8.15 -26.96
CA THR C 105 20.49 7.94 -28.04
C THR C 105 21.81 8.59 -27.64
N VAL C 106 22.78 7.74 -27.30
CA VAL C 106 24.11 8.21 -26.89
C VAL C 106 24.97 8.23 -28.16
N LEU C 107 25.15 9.42 -28.73
CA LEU C 107 25.93 9.55 -29.96
C LEU C 107 27.41 9.28 -29.69
N GLY C 108 28.16 9.05 -30.76
CA GLY C 108 29.57 8.78 -30.67
C GLY C 108 29.97 7.44 -31.24
#